data_3SP6
#
_entry.id   3SP6
#
_cell.length_a   44.837
_cell.length_b   60.973
_cell.length_c   54.160
_cell.angle_alpha   90.00
_cell.angle_beta   108.99
_cell.angle_gamma   90.00
#
_symmetry.space_group_name_H-M   'P 1 21 1'
#
loop_
_entity.id
_entity.type
_entity.pdbx_description
1 polymer 'Peroxisome proliferator-activated receptor alpha'
2 polymer 'Peroxisome proliferator-activated receptor gamma coactivator 1-beta'
3 non-polymer '(5E)-5-[(3aS,4R,5R,6aS)-5-hydroxy-4-[(1E,3S,4R)-3-hydroxy-4-methyloct-1-en-6-yn-1-yl]hexahydropentalen-2(1H)-ylidene]pentanoic acid'
4 water water
#
loop_
_entity_poly.entity_id
_entity_poly.type
_entity_poly.pdbx_seq_one_letter_code
_entity_poly.pdbx_strand_id
1 'polypeptide(L)'
;HHHHHHLVPRGSEDSETADLKSLAKRIYEAYLKNFNMNKVKARVILSGKASNNPPFVIHDMETLCMAEKTLVAKLVANGI
QNKEAEVRIFHCCQCTSVETVTELTEFAKAIPGFANLDLNDQVTLLKYGVYEAIFAMLSSVMNKDGMLVAYGNGFITREF
LKSLRKPFCDIMEPKFDFAMKFNALELDDSDISLFVAAIICCGDRPGLLNVGHIEKMQEGIVHVLRLHLQSNHPDDIFLF
PKLLQKMADLRQLVTEHAQLVQIIKKTESDAALHPLLQEIYRDMY
;
A
2 'polypeptide(L)' LSLLQKLLLAT B
#
# COMPACT_ATOMS: atom_id res chain seq x y z
N GLU A 13 -24.57 -24.03 10.75
CA GLU A 13 -23.22 -24.15 10.23
C GLU A 13 -23.13 -23.66 8.79
N ASP A 14 -24.12 -24.01 7.98
CA ASP A 14 -24.13 -23.53 6.61
C ASP A 14 -24.37 -22.03 6.66
N SER A 15 -25.01 -21.57 7.73
CA SER A 15 -25.29 -20.16 7.90
C SER A 15 -23.99 -19.40 8.11
N GLU A 16 -23.00 -20.09 8.68
CA GLU A 16 -21.72 -19.49 8.95
C GLU A 16 -20.82 -19.44 7.72
N THR A 17 -20.62 -20.59 7.07
CA THR A 17 -19.75 -20.60 5.88
C THR A 17 -20.33 -19.70 4.81
N ALA A 18 -21.66 -19.61 4.77
CA ALA A 18 -22.32 -18.68 3.87
C ALA A 18 -21.94 -17.23 4.20
N ASP A 19 -21.87 -16.91 5.48
CA ASP A 19 -21.48 -15.57 5.91
C ASP A 19 -19.99 -15.30 5.70
N LEU A 20 -19.16 -16.34 5.83
CA LEU A 20 -17.72 -16.21 5.55
C LEU A 20 -17.49 -15.96 4.07
N LYS A 21 -18.17 -16.72 3.22
CA LYS A 21 -18.05 -16.54 1.78
C LYS A 21 -18.54 -15.16 1.39
N SER A 22 -19.69 -14.78 1.93
CA SER A 22 -20.27 -13.47 1.69
C SER A 22 -19.33 -12.35 2.12
N LEU A 23 -18.74 -12.47 3.30
CA LEU A 23 -17.83 -11.44 3.79
C LEU A 23 -16.62 -11.30 2.87
N ALA A 24 -16.07 -12.43 2.42
CA ALA A 24 -14.93 -12.40 1.50
C ALA A 24 -15.31 -11.63 0.23
N LYS A 25 -16.50 -11.89 -0.28
CA LYS A 25 -16.97 -11.18 -1.46
C LYS A 25 -17.12 -9.68 -1.23
N ARG A 26 -17.68 -9.30 -0.09
CA ARG A 26 -17.90 -7.90 0.22
C ARG A 26 -16.60 -7.10 0.40
N ILE A 27 -15.57 -7.75 0.94
CA ILE A 27 -14.29 -7.07 1.08
C ILE A 27 -13.61 -6.92 -0.27
N TYR A 28 -13.74 -7.94 -1.11
CA TYR A 28 -13.26 -7.88 -2.48
C TYR A 28 -13.93 -6.74 -3.26
N GLU A 29 -15.25 -6.60 -3.11
CA GLU A 29 -15.98 -5.48 -3.72
C GLU A 29 -15.51 -4.11 -3.21
N ALA A 30 -15.36 -3.96 -1.89
CA ALA A 30 -14.90 -2.68 -1.35
C ALA A 30 -13.52 -2.33 -1.89
N TYR A 31 -12.70 -3.35 -2.13
CA TYR A 31 -11.35 -3.17 -2.66
C TYR A 31 -11.41 -2.72 -4.11
N LEU A 32 -12.26 -3.38 -4.89
CA LEU A 32 -12.42 -2.98 -6.28
C LEU A 32 -13.01 -1.56 -6.42
N LYS A 33 -13.92 -1.19 -5.53
CA LYS A 33 -14.54 0.14 -5.53
C LYS A 33 -13.61 1.27 -5.08
N ASN A 34 -12.60 0.95 -4.28
CA ASN A 34 -11.87 2.00 -3.58
C ASN A 34 -10.47 2.27 -4.11
N PHE A 35 -9.82 1.25 -4.65
CA PHE A 35 -8.45 1.44 -5.14
C PHE A 35 -8.42 1.66 -6.65
N ASN A 36 -7.72 2.70 -7.07
CA ASN A 36 -7.59 3.08 -8.47
C ASN A 36 -6.78 2.05 -9.23
N MET A 37 -5.86 1.39 -8.54
CA MET A 37 -5.01 0.39 -9.18
C MET A 37 -5.20 -0.96 -8.51
N ASN A 38 -5.24 -2.02 -9.30
CA ASN A 38 -5.26 -3.38 -8.77
C ASN A 38 -4.41 -4.26 -9.68
N LYS A 39 -4.25 -5.52 -9.28
CA LYS A 39 -3.30 -6.40 -9.94
C LYS A 39 -3.74 -6.73 -11.37
N VAL A 40 -5.05 -6.86 -11.57
CA VAL A 40 -5.57 -7.07 -12.91
C VAL A 40 -5.30 -5.86 -13.81
N LYS A 41 -5.74 -4.68 -13.39
CA LYS A 41 -5.45 -3.46 -14.16
C LYS A 41 -3.95 -3.34 -14.45
N ALA A 42 -3.12 -3.57 -13.43
CA ALA A 42 -1.68 -3.39 -13.60
C ALA A 42 -1.12 -4.37 -14.64
N ARG A 43 -1.59 -5.63 -14.63
CA ARG A 43 -1.12 -6.61 -15.61
C ARG A 43 -1.61 -6.30 -17.03
N VAL A 44 -2.87 -5.87 -17.18
CA VAL A 44 -3.32 -5.42 -18.50
C VAL A 44 -2.30 -4.41 -19.04
N ILE A 45 -2.19 -3.27 -18.37
CA ILE A 45 -1.23 -2.25 -18.75
C ILE A 45 0.16 -2.83 -19.04
N LEU A 46 0.69 -3.64 -18.12
CA LEU A 46 2.04 -4.22 -18.26
C LEU A 46 2.17 -5.26 -19.38
N SER A 47 1.19 -6.16 -19.48
CA SER A 47 1.28 -7.31 -20.39
C SER A 47 1.99 -7.07 -21.75
N GLY A 48 1.67 -6.00 -22.46
CA GLY A 48 0.69 -5.01 -22.04
C GLY A 48 -0.43 -4.80 -23.04
N LYS A 49 -1.34 -5.76 -23.10
CA LYS A 49 -2.51 -5.67 -23.95
C LYS A 49 -3.68 -5.14 -23.13
N ALA A 50 -4.39 -4.15 -23.66
CA ALA A 50 -4.07 -3.60 -24.98
C ALA A 50 -4.20 -2.08 -24.99
N SER A 51 -4.02 -1.47 -23.83
CA SER A 51 -4.12 -0.01 -23.70
C SER A 51 -3.57 0.68 -24.94
N ASN A 52 -4.35 1.61 -25.48
CA ASN A 52 -3.94 2.36 -26.66
C ASN A 52 -2.55 2.97 -26.48
N ASN A 53 -2.37 3.71 -25.39
CA ASN A 53 -1.10 4.36 -25.10
C ASN A 53 -0.33 3.79 -23.90
N PRO A 54 0.64 2.92 -24.19
CA PRO A 54 1.58 2.29 -23.26
C PRO A 54 2.31 3.30 -22.39
N PRO A 55 2.75 2.87 -21.21
CA PRO A 55 3.41 3.72 -20.20
C PRO A 55 4.70 4.34 -20.74
N PHE A 56 4.94 5.65 -20.52
CA PHE A 56 6.24 6.23 -20.81
C PHE A 56 7.24 5.54 -19.90
N VAL A 57 8.33 5.01 -20.43
CA VAL A 57 9.38 4.44 -19.59
C VAL A 57 10.36 5.51 -19.10
N ILE A 58 10.57 5.54 -17.80
CA ILE A 58 11.51 6.47 -17.20
C ILE A 58 12.71 5.67 -16.76
N HIS A 59 13.83 5.86 -17.44
CA HIS A 59 15.03 5.07 -17.16
C HIS A 59 16.27 5.96 -16.96
N ASP A 60 16.12 7.26 -17.13
CA ASP A 60 17.23 8.18 -16.89
C ASP A 60 16.68 9.59 -16.71
N MET A 61 17.59 10.54 -16.49
CA MET A 61 17.18 11.91 -16.22
C MET A 61 16.39 12.56 -17.36
N GLU A 62 16.69 12.19 -18.60
CA GLU A 62 16.04 12.79 -19.75
C GLU A 62 14.59 12.30 -19.89
N THR A 63 14.39 10.99 -19.76
CA THR A 63 13.04 10.44 -19.78
C THR A 63 12.20 10.89 -18.56
N LEU A 64 12.86 11.11 -17.43
CA LEU A 64 12.20 11.68 -16.26
C LEU A 64 11.67 13.10 -16.50
N CYS A 65 12.50 13.95 -17.10
CA CYS A 65 12.08 15.33 -17.40
C CYS A 65 10.96 15.35 -18.45
N MET A 66 11.05 14.48 -19.45
CA MET A 66 9.97 14.31 -20.44
C MET A 66 8.65 13.90 -19.79
N ALA A 67 8.67 12.84 -19.00
CA ALA A 67 7.47 12.37 -18.30
C ALA A 67 6.89 13.48 -17.43
N GLU A 68 7.75 14.16 -16.66
CA GLU A 68 7.31 15.26 -15.83
C GLU A 68 6.58 16.35 -16.62
N LYS A 69 7.16 16.78 -17.73
CA LYS A 69 6.55 17.83 -18.55
C LYS A 69 5.14 17.50 -19.01
N THR A 70 4.86 16.22 -19.21
CA THR A 70 3.55 15.81 -19.70
C THR A 70 2.61 15.29 -18.61
N LEU A 71 3.17 14.73 -17.55
CA LEU A 71 2.36 14.05 -16.55
C LEU A 71 2.14 14.79 -15.23
N VAL A 72 3.07 15.67 -14.85
CA VAL A 72 2.87 16.52 -13.68
C VAL A 72 3.51 17.90 -13.91
N ALA A 73 3.17 18.53 -15.04
CA ALA A 73 3.84 19.75 -15.47
C ALA A 73 3.95 20.85 -14.41
N LYS A 74 2.99 20.88 -13.48
CA LYS A 74 2.97 21.89 -12.41
C LYS A 74 4.31 21.89 -11.67
N LEU A 75 4.79 20.70 -11.33
CA LEU A 75 6.01 20.53 -10.53
C LEU A 75 7.26 21.00 -11.26
N VAL A 76 7.10 21.31 -12.54
CA VAL A 76 8.23 21.78 -13.36
C VAL A 76 7.90 23.03 -14.15
N ALA A 77 6.83 23.72 -13.79
CA ALA A 77 6.43 24.94 -14.45
C ALA A 77 7.21 26.13 -13.87
N ASN A 78 7.92 25.88 -12.76
CA ASN A 78 8.66 26.92 -12.06
C ASN A 78 9.77 27.52 -12.93
N ASN A 82 13.12 25.19 -9.92
CA ASN A 82 12.85 23.77 -9.76
C ASN A 82 13.82 23.08 -8.82
N LYS A 83 13.35 22.06 -8.14
CA LYS A 83 14.18 21.34 -7.18
C LYS A 83 15.00 20.23 -7.84
N GLU A 84 15.92 19.67 -7.08
CA GLU A 84 16.75 18.58 -7.53
C GLU A 84 15.89 17.37 -7.91
N ALA A 85 16.29 16.66 -8.95
CA ALA A 85 15.55 15.52 -9.46
C ALA A 85 15.10 14.54 -8.37
N GLU A 86 16.01 14.22 -7.45
CA GLU A 86 15.71 13.23 -6.42
C GLU A 86 14.59 13.72 -5.50
N VAL A 87 14.54 15.03 -5.30
CA VAL A 87 13.53 15.64 -4.45
C VAL A 87 12.16 15.70 -5.12
N ARG A 88 12.16 16.02 -6.42
CA ARG A 88 10.94 16.00 -7.20
C ARG A 88 10.32 14.61 -7.22
N ILE A 89 11.16 13.58 -7.30
CA ILE A 89 10.68 12.20 -7.25
C ILE A 89 10.12 11.85 -5.87
N PHE A 90 10.77 12.35 -4.82
CA PHE A 90 10.31 12.16 -3.45
C PHE A 90 8.96 12.82 -3.19
N HIS A 91 8.76 13.99 -3.80
CA HIS A 91 7.49 14.70 -3.72
C HIS A 91 6.41 13.87 -4.39
N CYS A 92 6.74 13.31 -5.54
CA CYS A 92 5.77 12.49 -6.26
C CYS A 92 5.43 11.25 -5.43
N CYS A 93 6.44 10.65 -4.81
CA CYS A 93 6.21 9.51 -3.92
C CYS A 93 5.23 9.87 -2.82
N GLN A 94 5.42 11.03 -2.22
CA GLN A 94 4.53 11.47 -1.15
C GLN A 94 3.10 11.66 -1.63
N CYS A 95 2.92 12.26 -2.80
CA CYS A 95 1.57 12.51 -3.31
C CYS A 95 0.85 11.20 -3.57
N THR A 96 1.61 10.21 -4.03
CA THR A 96 1.09 8.87 -4.23
C THR A 96 0.66 8.23 -2.91
N SER A 97 1.49 8.34 -1.87
CA SER A 97 1.14 7.78 -0.57
C SER A 97 -0.08 8.45 0.04
N VAL A 98 -0.16 9.76 -0.10
CA VAL A 98 -1.31 10.49 0.44
C VAL A 98 -2.61 9.99 -0.21
N GLU A 99 -2.59 9.80 -1.52
CA GLU A 99 -3.78 9.32 -2.20
C GLU A 99 -4.12 7.90 -1.80
N THR A 100 -3.10 7.04 -1.70
CA THR A 100 -3.35 5.68 -1.25
C THR A 100 -3.90 5.63 0.17
N VAL A 101 -3.42 6.53 1.04
CA VAL A 101 -3.89 6.61 2.41
C VAL A 101 -5.38 6.95 2.42
N THR A 102 -5.77 7.84 1.52
CA THR A 102 -7.18 8.19 1.40
C THR A 102 -7.97 6.97 0.91
N GLU A 103 -7.44 6.24 -0.05
CA GLU A 103 -8.13 5.06 -0.56
C GLU A 103 -8.27 3.99 0.53
N LEU A 104 -7.24 3.79 1.34
CA LEU A 104 -7.26 2.78 2.39
C LEU A 104 -8.25 3.12 3.50
N THR A 105 -8.41 4.41 3.77
CA THR A 105 -9.36 4.88 4.77
C THR A 105 -10.80 4.45 4.43
N GLU A 106 -11.21 4.71 3.20
CA GLU A 106 -12.52 4.28 2.70
C GLU A 106 -12.69 2.77 2.62
N PHE A 107 -11.67 2.07 2.16
CA PHE A 107 -11.71 0.63 2.18
C PHE A 107 -11.93 0.14 3.62
N ALA A 108 -11.22 0.74 4.56
CA ALA A 108 -11.29 0.31 5.96
C ALA A 108 -12.71 0.49 6.53
N LYS A 109 -13.35 1.58 6.15
CA LYS A 109 -14.71 1.86 6.62
C LYS A 109 -15.75 0.92 6.02
N ALA A 110 -15.38 0.19 4.96
CA ALA A 110 -16.28 -0.80 4.37
C ALA A 110 -16.14 -2.18 5.01
N ILE A 111 -15.17 -2.34 5.91
CA ILE A 111 -14.99 -3.60 6.61
C ILE A 111 -15.92 -3.68 7.83
N PRO A 112 -16.76 -4.72 7.90
CA PRO A 112 -17.81 -4.79 8.92
C PRO A 112 -17.25 -4.63 10.32
N GLY A 113 -17.73 -3.62 11.04
CA GLY A 113 -17.26 -3.38 12.39
C GLY A 113 -16.19 -2.31 12.52
N PHE A 114 -15.47 -2.00 11.45
CA PHE A 114 -14.41 -1.00 11.57
C PHE A 114 -15.00 0.34 11.97
N ALA A 115 -16.02 0.78 11.23
CA ALA A 115 -16.60 2.10 11.48
C ALA A 115 -17.35 2.19 12.83
N ASN A 116 -17.57 1.06 13.48
CA ASN A 116 -18.24 1.01 14.77
C ASN A 116 -17.26 1.25 15.92
N LEU A 117 -15.97 1.15 15.61
CA LEU A 117 -14.93 1.31 16.62
C LEU A 117 -14.82 2.76 17.09
N ASP A 118 -14.23 2.93 18.28
CA ASP A 118 -13.87 4.25 18.78
C ASP A 118 -13.02 4.94 17.74
N LEU A 119 -13.36 6.20 17.45
CA LEU A 119 -12.62 6.99 16.47
C LEU A 119 -11.11 6.90 16.67
N ASN A 120 -10.67 6.86 17.93
CA ASN A 120 -9.26 6.79 18.22
C ASN A 120 -8.63 5.43 17.91
N ASP A 121 -9.42 4.38 18.06
CA ASP A 121 -8.98 3.04 17.64
C ASP A 121 -8.93 2.96 16.10
N GLN A 122 -9.84 3.64 15.43
CA GLN A 122 -9.81 3.67 13.97
C GLN A 122 -8.52 4.34 13.49
N VAL A 123 -8.23 5.51 14.05
CA VAL A 123 -7.02 6.25 13.74
C VAL A 123 -5.76 5.38 13.93
N THR A 124 -5.74 4.60 15.00
CA THR A 124 -4.58 3.80 15.37
C THR A 124 -4.38 2.62 14.40
N LEU A 125 -5.48 1.98 14.02
CA LEU A 125 -5.38 0.87 13.09
C LEU A 125 -4.88 1.41 11.75
N LEU A 126 -5.40 2.56 11.34
CA LEU A 126 -4.92 3.17 10.09
C LEU A 126 -3.47 3.63 10.16
N LYS A 127 -3.14 4.36 11.22
CA LYS A 127 -1.78 4.82 11.45
C LYS A 127 -0.74 3.71 11.25
N TYR A 128 -0.92 2.60 11.95
CA TYR A 128 0.02 1.50 11.90
C TYR A 128 -0.17 0.58 10.70
N GLY A 129 -1.37 0.61 10.12
CA GLY A 129 -1.66 -0.27 9.00
C GLY A 129 -1.33 0.26 7.62
N VAL A 130 -1.49 1.55 7.37
CA VAL A 130 -1.43 2.02 5.97
C VAL A 130 -0.15 1.63 5.24
N TYR A 131 1.01 1.85 5.85
CA TYR A 131 2.25 1.59 5.10
C TYR A 131 2.50 0.11 4.88
N GLU A 132 2.01 -0.75 5.76
CA GLU A 132 2.10 -2.18 5.52
C GLU A 132 1.21 -2.54 4.31
N ALA A 133 0.03 -1.94 4.24
CA ALA A 133 -0.92 -2.22 3.15
C ALA A 133 -0.40 -1.62 1.86
N ILE A 134 0.16 -0.43 1.95
CA ILE A 134 0.77 0.21 0.79
C ILE A 134 1.91 -0.62 0.17
N PHE A 135 2.82 -1.15 0.98
CA PHE A 135 3.92 -1.91 0.38
C PHE A 135 3.43 -3.29 -0.15
N ALA A 136 2.44 -3.86 0.52
CA ALA A 136 1.78 -5.06 0.01
C ALA A 136 1.17 -4.83 -1.38
N MET A 137 0.44 -3.74 -1.56
CA MET A 137 -0.26 -3.43 -2.81
C MET A 137 0.66 -2.92 -3.90
N LEU A 138 1.76 -2.29 -3.47
CA LEU A 138 2.80 -1.84 -4.38
C LEU A 138 3.35 -3.01 -5.20
N SER A 139 3.39 -4.20 -4.61
CA SER A 139 3.86 -5.38 -5.32
C SER A 139 3.10 -5.61 -6.65
N SER A 140 1.82 -5.25 -6.68
CA SER A 140 0.98 -5.48 -7.86
C SER A 140 1.44 -4.65 -9.06
N VAL A 141 2.21 -3.60 -8.81
CA VAL A 141 2.61 -2.72 -9.91
C VAL A 141 4.11 -2.85 -10.20
N MET A 142 4.74 -3.82 -9.53
CA MET A 142 6.18 -4.04 -9.62
C MET A 142 6.52 -5.36 -10.34
N ASN A 143 7.51 -5.30 -11.22
CA ASN A 143 8.17 -6.52 -11.69
C ASN A 143 9.68 -6.32 -11.49
N LYS A 144 10.47 -7.26 -11.98
CA LYS A 144 11.90 -7.22 -11.70
C LYS A 144 12.60 -6.03 -12.36
N ASP A 145 11.98 -5.48 -13.39
CA ASP A 145 12.57 -4.35 -14.10
C ASP A 145 12.15 -2.95 -13.59
N GLY A 146 10.99 -2.85 -12.95
CA GLY A 146 10.50 -1.55 -12.51
C GLY A 146 9.07 -1.58 -11.98
N MET A 147 8.42 -0.41 -11.95
CA MET A 147 7.07 -0.30 -11.40
C MET A 147 6.23 0.73 -12.13
N LEU A 148 4.94 0.43 -12.30
CA LEU A 148 4.01 1.43 -12.83
C LEU A 148 3.96 2.60 -11.87
N VAL A 149 3.84 3.81 -12.43
CA VAL A 149 3.66 5.03 -11.65
C VAL A 149 2.67 5.95 -12.35
N ALA A 150 2.29 7.03 -11.69
CA ALA A 150 1.39 8.02 -12.28
C ALA A 150 0.11 7.39 -12.83
N TYR A 151 -0.60 6.67 -11.97
CA TYR A 151 -1.87 6.06 -12.34
C TYR A 151 -1.80 5.25 -13.63
N GLY A 152 -0.75 4.44 -13.74
CA GLY A 152 -0.58 3.53 -14.85
C GLY A 152 0.06 4.15 -16.09
N ASN A 153 0.33 5.46 -16.06
CA ASN A 153 0.83 6.18 -17.25
C ASN A 153 2.34 6.21 -17.48
N GLY A 154 3.11 5.82 -16.46
CA GLY A 154 4.55 5.74 -16.58
C GLY A 154 5.06 4.46 -15.95
N PHE A 155 6.28 4.09 -16.31
CA PHE A 155 6.95 2.92 -15.76
C PHE A 155 8.35 3.35 -15.40
N ILE A 156 8.71 3.26 -14.13
CA ILE A 156 10.04 3.70 -13.75
C ILE A 156 10.92 2.51 -13.43
N THR A 157 12.13 2.48 -13.98
CA THR A 157 12.99 1.32 -13.84
C THR A 157 13.61 1.23 -12.46
N ARG A 158 13.82 0.00 -12.03
CA ARG A 158 14.47 -0.30 -10.77
C ARG A 158 15.90 0.24 -10.79
N GLU A 159 16.59 0.07 -11.92
CA GLU A 159 17.97 0.52 -12.03
C GLU A 159 18.07 2.03 -11.93
N PHE A 160 17.17 2.75 -12.58
CA PHE A 160 17.19 4.20 -12.45
C PHE A 160 17.05 4.63 -10.99
N LEU A 161 16.13 4.00 -10.27
CA LEU A 161 15.92 4.34 -8.86
C LEU A 161 17.16 4.06 -8.02
N LYS A 162 17.78 2.90 -8.25
CA LYS A 162 19.04 2.56 -7.58
C LYS A 162 20.14 3.58 -7.85
N SER A 163 20.04 4.28 -8.98
CA SER A 163 21.11 5.17 -9.43
C SER A 163 21.01 6.55 -8.84
N LEU A 164 19.91 6.84 -8.15
CA LEU A 164 19.72 8.15 -7.52
C LEU A 164 20.78 8.32 -6.43
N ARG A 165 21.08 9.56 -6.04
CA ARG A 165 22.09 9.75 -5.00
C ARG A 165 21.51 9.37 -3.65
N LYS A 166 22.39 9.00 -2.72
CA LYS A 166 21.98 8.70 -1.36
C LYS A 166 21.40 9.95 -0.72
N PRO A 167 20.39 9.76 0.13
CA PRO A 167 19.81 8.47 0.51
C PRO A 167 18.65 8.01 -0.39
N PHE A 168 18.36 8.75 -1.45
CA PHE A 168 17.14 8.48 -2.19
C PHE A 168 17.14 7.11 -2.89
N CYS A 169 18.32 6.62 -3.25
CA CYS A 169 18.47 5.33 -3.91
C CYS A 169 18.17 4.16 -2.98
N ASP A 170 18.01 4.45 -1.68
CA ASP A 170 17.76 3.40 -0.69
C ASP A 170 16.28 3.19 -0.38
N ILE A 171 15.44 4.07 -0.90
CA ILE A 171 14.02 3.98 -0.61
C ILE A 171 13.36 2.70 -1.15
N MET A 172 13.45 2.50 -2.46
CA MET A 172 12.62 1.49 -3.13
C MET A 172 13.19 0.06 -3.18
N GLU A 173 14.50 -0.08 -3.27
CA GLU A 173 15.10 -1.42 -3.45
C GLU A 173 14.52 -2.46 -2.51
N PRO A 174 14.46 -2.15 -1.21
CA PRO A 174 13.89 -3.07 -0.23
C PRO A 174 12.43 -3.42 -0.54
N LYS A 175 11.71 -2.48 -1.15
CA LYS A 175 10.33 -2.73 -1.53
C LYS A 175 10.26 -3.66 -2.72
N PHE A 176 11.21 -3.51 -3.65
CA PHE A 176 11.34 -4.42 -4.78
C PHE A 176 11.64 -5.84 -4.33
N ASP A 177 12.61 -5.97 -3.42
CA ASP A 177 12.98 -7.24 -2.80
C ASP A 177 11.79 -7.92 -2.14
N PHE A 178 11.01 -7.18 -1.34
CA PHE A 178 9.77 -7.74 -0.80
C PHE A 178 8.80 -8.19 -1.91
N ALA A 179 8.64 -7.35 -2.92
CA ALA A 179 7.67 -7.60 -3.99
C ALA A 179 8.00 -8.86 -4.81
N MET A 180 9.28 -9.07 -5.10
CA MET A 180 9.64 -10.22 -5.91
C MET A 180 9.21 -11.51 -5.20
N LYS A 181 9.41 -11.56 -3.88
CA LYS A 181 8.97 -12.70 -3.07
C LYS A 181 7.45 -12.74 -2.88
N PHE A 182 6.81 -11.60 -2.66
CA PHE A 182 5.36 -11.60 -2.50
C PHE A 182 4.69 -12.04 -3.79
N ASN A 183 5.18 -11.51 -4.92
CA ASN A 183 4.61 -11.84 -6.23
C ASN A 183 4.72 -13.32 -6.64
N ALA A 184 5.74 -14.01 -6.13
CA ALA A 184 5.93 -15.42 -6.44
C ALA A 184 4.83 -16.28 -5.82
N LEU A 185 4.13 -15.73 -4.84
CA LEU A 185 2.97 -16.38 -4.25
C LEU A 185 1.78 -16.47 -5.22
N GLU A 186 1.80 -15.67 -6.28
CA GLU A 186 0.74 -15.64 -7.31
C GLU A 186 -0.67 -15.39 -6.76
N LEU A 187 -0.80 -14.43 -5.85
CA LEU A 187 -2.12 -14.09 -5.32
C LEU A 187 -2.89 -13.34 -6.38
N ASP A 188 -4.22 -13.39 -6.35
CA ASP A 188 -5.02 -12.51 -7.19
C ASP A 188 -5.67 -11.45 -6.29
N ASP A 189 -6.36 -10.48 -6.88
CA ASP A 189 -7.00 -9.40 -6.12
C ASP A 189 -7.95 -9.91 -5.03
N SER A 190 -8.60 -11.05 -5.23
CA SER A 190 -9.52 -11.54 -4.20
C SER A 190 -8.73 -11.96 -2.96
N ASP A 191 -7.53 -12.49 -3.17
CA ASP A 191 -6.62 -12.82 -2.06
C ASP A 191 -6.09 -11.56 -1.38
N ILE A 192 -5.66 -10.60 -2.19
CA ILE A 192 -4.99 -9.41 -1.70
C ILE A 192 -5.94 -8.50 -0.93
N SER A 193 -7.19 -8.39 -1.37
CA SER A 193 -8.18 -7.62 -0.60
C SER A 193 -8.31 -8.13 0.84
N LEU A 194 -8.27 -9.46 1.02
CA LEU A 194 -8.42 -10.04 2.36
C LEU A 194 -7.17 -9.82 3.21
N PHE A 195 -6.01 -9.98 2.59
CA PHE A 195 -4.72 -9.71 3.23
C PHE A 195 -4.66 -8.28 3.75
N VAL A 196 -5.03 -7.32 2.90
CA VAL A 196 -5.04 -5.92 3.31
C VAL A 196 -6.06 -5.73 4.46
N ALA A 197 -7.22 -6.37 4.38
CA ALA A 197 -8.16 -6.28 5.50
C ALA A 197 -7.55 -6.77 6.83
N ALA A 198 -6.82 -7.88 6.78
CA ALA A 198 -6.26 -8.48 7.99
C ALA A 198 -5.12 -7.61 8.55
N ILE A 199 -4.41 -6.92 7.65
CA ILE A 199 -3.39 -5.97 8.06
C ILE A 199 -4.00 -4.83 8.85
N ILE A 200 -5.12 -4.32 8.37
CA ILE A 200 -5.82 -3.22 9.05
C ILE A 200 -6.41 -3.61 10.40
N CYS A 201 -7.07 -4.78 10.45
CA CYS A 201 -7.77 -5.21 11.66
C CYS A 201 -6.85 -6.03 12.54
N CYS A 202 -5.98 -5.34 13.26
CA CYS A 202 -4.89 -5.99 13.97
C CYS A 202 -4.95 -5.59 15.44
N GLY A 203 -5.20 -6.57 16.31
CA GLY A 203 -5.44 -6.28 17.71
C GLY A 203 -4.24 -5.78 18.49
N ASP A 204 -3.04 -5.99 17.95
CA ASP A 204 -1.85 -5.68 18.71
C ASP A 204 -1.11 -4.43 18.25
N ARG A 205 -1.83 -3.45 17.73
CA ARG A 205 -1.24 -2.14 17.47
C ARG A 205 -0.99 -1.45 18.79
N PRO A 206 0.08 -0.64 18.87
CA PRO A 206 0.38 0.09 20.10
C PRO A 206 -0.75 1.05 20.46
N GLY A 207 -1.13 1.08 21.73
CA GLY A 207 -2.04 2.10 22.23
C GLY A 207 -3.53 1.95 21.99
N LEU A 208 -3.99 0.76 21.59
CA LEU A 208 -5.42 0.54 21.35
C LEU A 208 -6.22 0.58 22.64
N LEU A 209 -7.44 1.09 22.58
CA LEU A 209 -8.32 1.12 23.73
C LEU A 209 -9.06 -0.22 23.89
N ASN A 210 -9.94 -0.53 22.94
CA ASN A 210 -10.75 -1.73 23.01
C ASN A 210 -10.09 -2.93 22.32
N VAL A 211 -9.04 -3.43 22.95
CA VAL A 211 -8.21 -4.47 22.35
C VAL A 211 -8.93 -5.79 22.16
N GLY A 212 -9.74 -6.17 23.15
CA GLY A 212 -10.43 -7.45 23.14
C GLY A 212 -11.38 -7.59 21.96
N HIS A 213 -12.12 -6.52 21.67
CA HIS A 213 -13.05 -6.49 20.55
C HIS A 213 -12.33 -6.53 19.19
N ILE A 214 -11.18 -5.87 19.11
CA ILE A 214 -10.49 -5.77 17.85
C ILE A 214 -9.77 -7.09 17.52
N GLU A 215 -9.28 -7.77 18.56
CA GLU A 215 -8.71 -9.10 18.40
C GLU A 215 -9.74 -10.07 17.84
N LYS A 216 -10.99 -9.90 18.24
CA LYS A 216 -12.07 -10.75 17.77
C LYS A 216 -12.38 -10.43 16.30
N MET A 217 -12.42 -9.13 16.00
CA MET A 217 -12.60 -8.69 14.65
C MET A 217 -11.46 -9.22 13.76
N GLN A 218 -10.23 -9.10 14.25
CA GLN A 218 -9.05 -9.66 13.56
C GLN A 218 -9.23 -11.14 13.27
N GLU A 219 -9.52 -11.91 14.31
CA GLU A 219 -9.75 -13.35 14.17
C GLU A 219 -10.83 -13.67 13.13
N GLY A 220 -11.89 -12.87 13.09
CA GLY A 220 -12.93 -13.08 12.09
C GLY A 220 -12.38 -12.93 10.67
N ILE A 221 -11.63 -11.86 10.46
CA ILE A 221 -11.04 -11.59 9.15
C ILE A 221 -10.04 -12.66 8.74
N VAL A 222 -9.17 -13.04 9.66
CA VAL A 222 -8.18 -14.06 9.38
C VAL A 222 -8.85 -15.40 9.04
N HIS A 223 -9.98 -15.67 9.69
CA HIS A 223 -10.74 -16.88 9.41
C HIS A 223 -11.22 -16.86 7.96
N VAL A 224 -11.80 -15.75 7.55
CA VAL A 224 -12.19 -15.57 6.16
C VAL A 224 -10.98 -15.77 5.23
N LEU A 225 -9.91 -15.04 5.49
CA LEU A 225 -8.71 -15.18 4.67
C LEU A 225 -8.23 -16.64 4.57
N ARG A 226 -8.09 -17.31 5.70
CA ARG A 226 -7.64 -18.71 5.73
C ARG A 226 -8.50 -19.64 4.88
N LEU A 227 -9.81 -19.53 5.00
CA LEU A 227 -10.70 -20.34 4.18
C LEU A 227 -10.65 -19.96 2.72
N HIS A 228 -10.57 -18.66 2.43
CA HIS A 228 -10.50 -18.23 1.04
C HIS A 228 -9.26 -18.79 0.33
N LEU A 229 -8.11 -18.74 1.02
CA LEU A 229 -6.86 -19.27 0.47
C LEU A 229 -6.97 -20.79 0.25
N GLN A 230 -7.67 -21.48 1.14
CA GLN A 230 -7.91 -22.91 0.98
C GLN A 230 -8.68 -23.22 -0.30
N SER A 231 -9.78 -22.50 -0.51
CA SER A 231 -10.56 -22.63 -1.76
C SER A 231 -9.79 -22.17 -3.01
N ASN A 232 -9.11 -21.04 -2.89
CA ASN A 232 -8.57 -20.34 -4.05
C ASN A 232 -7.17 -20.83 -4.46
N HIS A 233 -6.46 -21.44 -3.51
CA HIS A 233 -5.12 -21.98 -3.78
C HIS A 233 -4.93 -23.39 -3.20
N PRO A 234 -5.65 -24.38 -3.74
CA PRO A 234 -5.57 -25.74 -3.18
C PRO A 234 -4.23 -26.39 -3.49
N ASP A 235 -3.44 -25.74 -4.34
CA ASP A 235 -2.13 -26.26 -4.72
C ASP A 235 -1.03 -25.89 -3.73
N ASP A 236 -1.30 -24.93 -2.83
CA ASP A 236 -0.26 -24.40 -1.94
C ASP A 236 -0.75 -24.47 -0.50
N ILE A 237 -0.48 -25.59 0.17
CA ILE A 237 -1.13 -25.84 1.45
C ILE A 237 -0.52 -24.98 2.55
N PHE A 238 0.69 -24.47 2.32
CA PHE A 238 1.34 -23.61 3.29
C PHE A 238 1.08 -22.12 3.03
N LEU A 239 0.19 -21.79 2.11
CA LEU A 239 0.02 -20.38 1.70
C LEU A 239 -0.33 -19.42 2.85
N PHE A 240 -1.17 -19.85 3.77
CA PHE A 240 -1.57 -19.02 4.90
C PHE A 240 -0.41 -18.72 5.90
N PRO A 241 0.37 -19.74 6.31
CA PRO A 241 1.53 -19.39 7.16
C PRO A 241 2.53 -18.49 6.44
N LYS A 242 2.64 -18.65 5.12
CA LYS A 242 3.50 -17.80 4.30
C LYS A 242 3.07 -16.36 4.39
N LEU A 243 1.76 -16.13 4.31
CA LEU A 243 1.22 -14.77 4.40
C LEU A 243 1.38 -14.20 5.81
N LEU A 244 1.19 -15.04 6.82
CA LEU A 244 1.44 -14.64 8.19
C LEU A 244 2.87 -14.09 8.32
N GLN A 245 3.83 -14.83 7.78
CA GLN A 245 5.19 -14.33 7.75
C GLN A 245 5.36 -13.02 6.97
N LYS A 246 4.71 -12.91 5.81
CA LYS A 246 4.82 -11.67 5.02
C LYS A 246 4.36 -10.48 5.83
N MET A 247 3.33 -10.68 6.66
CA MET A 247 2.83 -9.62 7.53
C MET A 247 3.88 -9.18 8.55
N ALA A 248 4.63 -10.15 9.11
CA ALA A 248 5.69 -9.80 10.05
C ALA A 248 6.83 -9.10 9.31
N ASP A 249 7.12 -9.56 8.09
CA ASP A 249 8.10 -8.90 7.22
C ASP A 249 7.74 -7.45 6.87
N LEU A 250 6.46 -7.21 6.57
CA LEU A 250 5.97 -5.87 6.28
C LEU A 250 6.15 -4.94 7.47
N ARG A 251 5.90 -5.47 8.66
CA ARG A 251 6.12 -4.73 9.90
C ARG A 251 7.55 -4.20 9.98
N GLN A 252 8.52 -5.08 9.71
CA GLN A 252 9.94 -4.68 9.76
C GLN A 252 10.30 -3.77 8.58
N LEU A 253 9.77 -4.09 7.40
CA LEU A 253 9.98 -3.24 6.24
C LEU A 253 9.55 -1.79 6.53
N VAL A 254 8.43 -1.64 7.21
CA VAL A 254 7.87 -0.31 7.54
C VAL A 254 8.67 0.40 8.65
N THR A 255 9.08 -0.34 9.67
CA THR A 255 9.96 0.23 10.68
C THR A 255 11.21 0.87 10.04
N GLU A 256 11.86 0.11 9.16
CA GLU A 256 13.06 0.56 8.51
C GLU A 256 12.80 1.67 7.51
N HIS A 257 11.63 1.65 6.88
CA HIS A 257 11.29 2.74 5.98
C HIS A 257 11.16 4.05 6.75
N ALA A 258 10.50 4.00 7.90
CA ALA A 258 10.27 5.20 8.70
C ALA A 258 11.61 5.74 9.21
N GLN A 259 12.52 4.84 9.59
CA GLN A 259 13.85 5.23 10.00
C GLN A 259 14.55 6.00 8.87
N LEU A 260 14.39 5.49 7.65
CA LEU A 260 14.97 6.15 6.48
C LEU A 260 14.32 7.50 6.20
N VAL A 261 13.00 7.54 6.34
CA VAL A 261 12.24 8.78 6.15
C VAL A 261 12.72 9.86 7.13
N GLN A 262 12.85 9.49 8.40
CA GLN A 262 13.42 10.41 9.40
C GLN A 262 14.80 10.95 9.03
N ILE A 263 15.67 10.09 8.52
CA ILE A 263 16.99 10.53 8.06
C ILE A 263 16.89 11.58 6.95
N ILE A 264 16.02 11.33 5.97
CA ILE A 264 15.81 12.27 4.88
C ILE A 264 15.32 13.61 5.42
N LYS A 265 14.24 13.59 6.19
CA LYS A 265 13.65 14.79 6.76
C LYS A 265 14.66 15.61 7.54
N LYS A 266 15.57 14.93 8.22
CA LYS A 266 16.51 15.60 9.09
C LYS A 266 17.71 16.20 8.34
N THR A 267 18.10 15.59 7.23
CA THR A 267 19.33 15.94 6.55
C THR A 267 19.16 16.57 5.16
N GLU A 268 17.96 16.46 4.60
CA GLU A 268 17.69 17.03 3.29
C GLU A 268 16.85 18.30 3.43
N SER A 269 17.50 19.44 3.26
CA SER A 269 16.84 20.73 3.50
C SER A 269 15.62 20.94 2.62
N ASP A 270 15.58 20.30 1.45
CA ASP A 270 14.53 20.61 0.48
C ASP A 270 13.42 19.56 0.33
N ALA A 271 13.35 18.59 1.25
CA ALA A 271 12.38 17.50 1.12
C ALA A 271 11.37 17.49 2.25
N ALA A 272 10.48 18.47 2.27
CA ALA A 272 9.48 18.58 3.32
C ALA A 272 8.42 17.49 3.23
N LEU A 273 8.09 16.90 4.37
CA LEU A 273 7.05 15.88 4.44
C LEU A 273 5.64 16.51 4.40
N HIS A 274 4.76 15.90 3.64
CA HIS A 274 3.35 16.25 3.66
C HIS A 274 2.81 16.03 5.08
N PRO A 275 1.93 16.94 5.55
CA PRO A 275 1.42 16.95 6.93
C PRO A 275 0.69 15.67 7.33
N LEU A 276 -0.06 15.07 6.42
CA LEU A 276 -0.74 13.82 6.72
C LEU A 276 0.28 12.74 7.00
N LEU A 277 1.30 12.66 6.16
CA LEU A 277 2.34 11.66 6.33
C LEU A 277 3.19 11.87 7.61
N GLN A 278 3.50 13.12 7.96
CA GLN A 278 4.20 13.37 9.22
C GLN A 278 3.36 12.87 10.41
N GLU A 279 2.04 13.09 10.32
CA GLU A 279 1.13 12.62 11.37
C GLU A 279 1.16 11.09 11.49
N ILE A 280 1.10 10.39 10.37
CA ILE A 280 1.20 8.94 10.39
C ILE A 280 2.50 8.48 11.00
N TYR A 281 3.62 9.09 10.61
CA TYR A 281 4.94 8.69 11.10
C TYR A 281 5.20 9.05 12.56
N ARG A 282 4.67 10.19 13.00
CA ARG A 282 4.89 10.65 14.37
C ARG A 282 4.59 9.57 15.41
N ASP A 283 5.54 9.34 16.30
CA ASP A 283 5.35 8.42 17.41
C ASP A 283 4.98 7.02 16.95
N MET A 284 5.22 6.73 15.68
CA MET A 284 4.90 5.43 15.11
C MET A 284 5.82 4.35 15.66
N TYR A 285 7.09 4.40 15.27
CA TYR A 285 8.09 3.44 15.72
C TYR A 285 9.31 4.11 16.32
N LEU B 1 -9.94 16.57 15.13
CA LEU B 1 -9.04 17.70 15.01
C LEU B 1 -7.84 17.33 14.14
N SER B 2 -7.38 16.08 14.21
CA SER B 2 -6.21 15.66 13.43
C SER B 2 -6.59 15.32 12.01
N LEU B 3 -5.61 15.35 11.11
CA LEU B 3 -5.85 15.05 9.70
C LEU B 3 -6.43 13.65 9.50
N LEU B 4 -5.94 12.68 10.27
CA LEU B 4 -6.44 11.31 10.15
C LEU B 4 -7.85 11.21 10.69
N GLN B 5 -8.13 11.90 11.78
CA GLN B 5 -9.49 11.94 12.31
C GLN B 5 -10.43 12.53 11.28
N LYS B 6 -9.99 13.60 10.64
CA LYS B 6 -10.76 14.25 9.57
C LYS B 6 -10.98 13.32 8.38
N LEU B 7 -9.93 12.64 7.93
CA LEU B 7 -10.09 11.65 6.86
C LEU B 7 -11.13 10.60 7.25
N LEU B 8 -11.09 10.16 8.50
CA LEU B 8 -11.99 9.09 8.93
C LEU B 8 -13.44 9.56 9.02
N LEU B 9 -13.62 10.86 9.19
CA LEU B 9 -14.96 11.43 9.29
C LEU B 9 -15.38 12.03 7.96
N ALA B 10 -14.40 12.23 7.08
CA ALA B 10 -14.64 12.86 5.77
C ALA B 10 -15.95 12.38 5.16
N THR B 11 -16.09 11.07 5.01
CA THR B 11 -17.36 10.52 4.53
C THR B 11 -18.18 9.98 5.70
#